data_9OMK
#
_entry.id   9OMK
#
_cell.length_a   64.450
_cell.length_b   65.620
_cell.length_c   128.100
_cell.angle_alpha   90.000
_cell.angle_beta   90.000
_cell.angle_gamma   90.000
#
_symmetry.space_group_name_H-M   'P 2 21 21'
#
loop_
_entity.id
_entity.type
_entity.pdbx_description
1 polymer Glycosyltransferase
2 non-polymer "GUANOSINE-5'-MONOPHOSPHATE"
3 non-polymer 'DIMETHYL SULFOXIDE'
4 non-polymer alpha-L-fucopyranose
5 non-polymer 6-deoxy-alpha-D-talopyranose
6 non-polymer beta-D-glucopyranose
7 water water
#
_entity_poly.entity_id   1
_entity_poly.type   'polypeptide(L)'
_entity_poly.pdbx_seq_one_letter_code
;MGPEFDITVVIPTFKAEKTVGQCLESVLSQQGVSTEIIVVDGGSPDATISIVQSFSSTNLTIISEPDRGIYDAINKGVSR
AQGGMIGVLGADDVYKPNVLSVVKENASRGVEIVAGLTLIDGQLRADEQYRPAALISGIPFGHNAMFASQEAYRKVGLYD
LAYRICADAEWVHRAIKSDISCRKVEQVFVEFGTEGTSSTNPEEIIAEACSVIQRNFPFLLKEEAKYLLYGVRGWGETSR
IEQILRKYGHESVLFVTALQEAFPAVETAAALEHHHHHH
;
_entity_poly.pdbx_strand_id   A,B
#
loop_
_chem_comp.id
_chem_comp.type
_chem_comp.name
_chem_comp.formula
5GP non-polymer GUANOSINE-5'-MONOPHOSPHATE 'C10 H14 N5 O8 P'
A1CCV D-saccharide 6-deoxy-alpha-D-talopyranose 'C6 H12 O5'
BGC D-saccharide, beta linking beta-D-glucopyranose 'C6 H12 O6'
DMS non-polymer 'DIMETHYL SULFOXIDE' 'C2 H6 O S'
FUC L-saccharide, alpha linking alpha-L-fucopyranose 'C6 H12 O5'
#
# COMPACT_ATOMS: atom_id res chain seq x y z
N GLU A 4 32.13 -0.02 -7.29
CA GLU A 4 30.75 -0.48 -7.47
C GLU A 4 30.51 -1.05 -8.86
N PHE A 5 29.32 -0.77 -9.40
CA PHE A 5 28.91 -1.29 -10.70
C PHE A 5 28.31 -0.17 -11.52
N ASP A 6 28.32 -0.35 -12.85
CA ASP A 6 27.62 0.59 -13.73
C ASP A 6 26.11 0.45 -13.56
N ILE A 7 25.63 -0.79 -13.46
CA ILE A 7 24.21 -1.10 -13.51
C ILE A 7 23.90 -2.05 -12.35
N THR A 8 22.74 -1.88 -11.74
CA THR A 8 22.09 -2.92 -10.96
C THR A 8 20.79 -3.28 -11.66
N VAL A 9 20.55 -4.57 -11.82
CA VAL A 9 19.26 -5.06 -12.29
C VAL A 9 18.60 -5.79 -11.14
N VAL A 10 17.45 -5.27 -10.72
CA VAL A 10 16.61 -5.86 -9.69
C VAL A 10 15.55 -6.70 -10.40
N ILE A 11 15.45 -7.96 -10.02
CA ILE A 11 14.57 -8.93 -10.65
C ILE A 11 13.68 -9.54 -9.57
N PRO A 12 12.46 -9.04 -9.39
CA PRO A 12 11.49 -9.69 -8.50
C PRO A 12 11.00 -10.98 -9.13
N THR A 13 10.97 -12.05 -8.35
CA THR A 13 10.57 -13.35 -8.84
C THR A 13 9.63 -14.03 -7.85
N PHE A 14 8.58 -14.65 -8.40
CA PHE A 14 7.82 -15.63 -7.65
C PHE A 14 7.29 -16.65 -8.64
N LYS A 15 7.72 -17.90 -8.49
CA LYS A 15 7.32 -18.99 -9.39
C LYS A 15 7.57 -18.60 -10.84
N ALA A 16 8.79 -18.12 -11.11
CA ALA A 16 9.23 -17.73 -12.45
C ALA A 16 10.16 -18.76 -13.06
N GLU A 17 10.05 -20.03 -12.65
CA GLU A 17 10.97 -21.06 -13.11
C GLU A 17 10.93 -21.23 -14.63
N LYS A 18 9.81 -20.89 -15.26
CA LYS A 18 9.67 -21.15 -16.68
C LYS A 18 10.50 -20.18 -17.52
N THR A 19 10.70 -18.96 -17.04
CA THR A 19 11.33 -17.92 -17.85
C THR A 19 12.54 -17.25 -17.19
N VAL A 20 12.78 -17.49 -15.90
CA VAL A 20 13.81 -16.74 -15.20
C VAL A 20 15.19 -17.01 -15.76
N GLY A 21 15.39 -18.15 -16.42
CA GLY A 21 16.66 -18.42 -17.07
C GLY A 21 16.89 -17.57 -18.30
N GLN A 22 15.85 -17.41 -19.12
CA GLN A 22 15.96 -16.51 -20.27
C GLN A 22 16.13 -15.06 -19.81
N CYS A 23 15.41 -14.66 -18.76
CA CYS A 23 15.55 -13.30 -18.24
C CYS A 23 16.99 -13.02 -17.84
N LEU A 24 17.61 -13.94 -17.09
CA LEU A 24 18.98 -13.74 -16.63
C LEU A 24 19.98 -13.77 -17.79
N GLU A 25 19.75 -14.63 -18.77
CA GLU A 25 20.64 -14.68 -19.93
C GLU A 25 20.66 -13.33 -20.64
N SER A 26 19.51 -12.67 -20.75
CA SER A 26 19.46 -11.37 -21.41
C SER A 26 20.24 -10.30 -20.65
N VAL A 27 20.48 -10.50 -19.35
CA VAL A 27 21.25 -9.53 -18.59
C VAL A 27 22.75 -9.82 -18.71
N LEU A 28 23.13 -11.09 -18.60
CA LEU A 28 24.54 -11.45 -18.69
C LEU A 28 25.11 -11.25 -20.10
N SER A 29 24.27 -11.28 -21.13
CA SER A 29 24.76 -11.06 -22.48
C SER A 29 25.17 -9.61 -22.71
N GLN A 30 24.71 -8.69 -21.86
CA GLN A 30 25.07 -7.28 -22.01
C GLN A 30 26.57 -7.10 -21.80
N GLN A 31 27.23 -6.55 -22.80
CA GLN A 31 28.68 -6.35 -22.81
C GLN A 31 29.00 -4.88 -22.60
N GLY A 32 30.21 -4.63 -22.10
CA GLY A 32 30.68 -3.27 -21.93
C GLY A 32 30.16 -2.54 -20.72
N VAL A 33 29.59 -3.25 -19.74
CA VAL A 33 29.15 -2.65 -18.50
C VAL A 33 29.35 -3.64 -17.37
N SER A 34 29.80 -3.15 -16.22
CA SER A 34 29.85 -3.94 -15.00
C SER A 34 28.46 -3.96 -14.38
N THR A 35 27.89 -5.15 -14.23
CA THR A 35 26.50 -5.30 -13.82
C THR A 35 26.39 -6.15 -12.55
N GLU A 36 25.56 -5.67 -11.63
CA GLU A 36 25.13 -6.41 -10.45
C GLU A 36 23.69 -6.87 -10.67
N ILE A 37 23.37 -8.08 -10.22
CA ILE A 37 22.02 -8.61 -10.32
C ILE A 37 21.53 -8.96 -8.93
N ILE A 38 20.33 -8.51 -8.61
CA ILE A 38 19.71 -8.76 -7.31
C ILE A 38 18.36 -9.40 -7.59
N VAL A 39 18.27 -10.70 -7.36
CA VAL A 39 17.03 -11.46 -7.51
C VAL A 39 16.32 -11.43 -6.16
N VAL A 40 15.12 -10.86 -6.12
CA VAL A 40 14.33 -10.75 -4.89
C VAL A 40 13.16 -11.72 -5.04
N ASP A 41 13.31 -12.90 -4.45
CA ASP A 41 12.32 -13.97 -4.56
C ASP A 41 11.40 -13.96 -3.34
N GLY A 42 10.12 -14.23 -3.58
CA GLY A 42 9.12 -14.17 -2.53
C GLY A 42 8.84 -15.51 -1.87
N GLY A 43 9.72 -16.48 -2.08
CA GLY A 43 9.52 -17.81 -1.53
C GLY A 43 8.98 -18.77 -2.56
N SER A 44 9.62 -18.82 -3.72
CA SER A 44 9.15 -19.67 -4.80
C SER A 44 9.31 -21.14 -4.44
N PRO A 45 8.26 -21.95 -4.54
CA PRO A 45 8.38 -23.40 -4.32
C PRO A 45 8.77 -24.19 -5.55
N ASP A 46 8.89 -23.54 -6.71
CA ASP A 46 9.27 -24.22 -7.94
C ASP A 46 10.79 -24.15 -8.12
N ALA A 47 11.26 -24.44 -9.32
CA ALA A 47 12.68 -24.52 -9.62
C ALA A 47 13.36 -23.16 -9.73
N THR A 48 12.68 -22.09 -9.30
CA THR A 48 13.20 -20.74 -9.55
C THR A 48 14.57 -20.53 -8.90
N ILE A 49 14.73 -20.98 -7.65
CA ILE A 49 16.01 -20.78 -6.99
C ILE A 49 17.06 -21.70 -7.57
N SER A 50 16.68 -22.93 -7.92
CA SER A 50 17.63 -23.84 -8.55
C SER A 50 18.15 -23.26 -9.86
N ILE A 51 17.30 -22.55 -10.60
CA ILE A 51 17.72 -21.96 -11.87
C ILE A 51 18.60 -20.74 -11.62
N VAL A 52 18.17 -19.85 -10.73
CA VAL A 52 18.96 -18.66 -10.43
C VAL A 52 20.36 -19.04 -9.97
N GLN A 53 20.45 -20.05 -9.11
CA GLN A 53 21.75 -20.46 -8.61
C GLN A 53 22.63 -21.06 -9.70
N SER A 54 22.03 -21.54 -10.80
CA SER A 54 22.83 -21.92 -11.96
C SER A 54 23.65 -20.77 -12.51
N PHE A 55 23.26 -19.53 -12.22
CA PHE A 55 23.95 -18.35 -12.75
C PHE A 55 24.88 -17.75 -11.71
N SER A 56 25.84 -18.58 -11.26
CA SER A 56 26.71 -18.23 -10.14
C SER A 56 27.63 -17.06 -10.45
N SER A 57 27.18 -16.13 -11.28
CA SER A 57 27.93 -14.90 -11.50
C SER A 57 28.25 -14.24 -10.16
N THR A 58 29.51 -13.84 -9.98
CA THR A 58 29.99 -13.25 -8.73
C THR A 58 29.31 -11.91 -8.47
N ASN A 59 28.37 -11.52 -9.34
CA ASN A 59 27.66 -10.26 -9.20
C ASN A 59 26.16 -10.48 -9.15
N LEU A 60 25.72 -11.61 -8.63
CA LEU A 60 24.31 -11.89 -8.45
C LEU A 60 24.03 -12.10 -6.97
N THR A 61 22.97 -11.45 -6.48
CA THR A 61 22.50 -11.62 -5.11
C THR A 61 21.09 -12.20 -5.14
N ILE A 62 20.85 -13.20 -4.28
CA ILE A 62 19.55 -13.83 -4.15
C ILE A 62 18.95 -13.43 -2.81
N ILE A 63 17.78 -12.81 -2.83
CA ILE A 63 16.99 -12.55 -1.63
C ILE A 63 15.72 -13.37 -1.76
N SER A 64 15.58 -14.37 -0.89
CA SER A 64 14.38 -15.23 -0.87
C SER A 64 13.80 -15.17 0.53
N GLU A 65 12.70 -14.43 0.67
CA GLU A 65 12.04 -14.30 1.96
C GLU A 65 10.63 -13.78 1.72
N PRO A 66 9.71 -14.03 2.64
CA PRO A 66 8.36 -13.50 2.49
C PRO A 66 8.38 -12.01 2.20
N ASP A 67 7.52 -11.57 1.28
CA ASP A 67 7.34 -10.16 1.03
C ASP A 67 5.86 -9.85 0.90
N ARG A 68 5.55 -8.56 0.81
CA ARG A 68 4.18 -8.06 0.77
C ARG A 68 3.72 -7.73 -0.64
N GLY A 69 4.36 -8.29 -1.65
CA GLY A 69 4.04 -8.01 -3.03
C GLY A 69 5.26 -7.55 -3.81
N ILE A 70 5.07 -7.49 -5.13
CA ILE A 70 6.18 -7.23 -6.05
C ILE A 70 6.91 -5.95 -5.68
N TYR A 71 6.17 -4.90 -5.33
CA TYR A 71 6.81 -3.62 -5.04
C TYR A 71 7.55 -3.65 -3.72
N ASP A 72 7.09 -4.46 -2.76
CA ASP A 72 7.91 -4.75 -1.59
C ASP A 72 9.22 -5.41 -2.01
N ALA A 73 9.14 -6.41 -2.90
CA ALA A 73 10.35 -7.08 -3.37
C ALA A 73 11.24 -6.12 -4.13
N ILE A 74 10.65 -5.28 -4.99
CA ILE A 74 11.42 -4.26 -5.69
C ILE A 74 12.11 -3.34 -4.70
N ASN A 75 11.36 -2.84 -3.72
CA ASN A 75 11.95 -1.95 -2.72
C ASN A 75 13.18 -2.59 -2.07
N LYS A 76 13.10 -3.89 -1.76
CA LYS A 76 14.22 -4.56 -1.12
C LYS A 76 15.44 -4.57 -2.03
N GLY A 77 15.24 -4.79 -3.33
CA GLY A 77 16.37 -4.83 -4.24
C GLY A 77 16.96 -3.47 -4.53
N VAL A 78 16.10 -2.46 -4.74
CA VAL A 78 16.60 -1.11 -4.97
C VAL A 78 17.42 -0.64 -3.78
N SER A 79 16.93 -0.90 -2.56
CA SER A 79 17.64 -0.49 -1.36
C SER A 79 19.08 -1.00 -1.36
N ARG A 80 19.30 -2.23 -1.83
CA ARG A 80 20.62 -2.84 -1.82
C ARG A 80 21.46 -2.49 -3.04
N ALA A 81 20.85 -1.93 -4.09
CA ALA A 81 21.55 -1.69 -5.34
C ALA A 81 22.82 -0.87 -5.12
N GLN A 82 23.94 -1.38 -5.64
CA GLN A 82 25.23 -0.69 -5.58
C GLN A 82 25.66 -0.14 -6.93
N GLY A 83 24.79 -0.18 -7.92
CA GLY A 83 25.10 0.30 -9.26
C GLY A 83 24.62 1.72 -9.46
N GLY A 84 25.36 2.46 -10.30
CA GLY A 84 25.03 3.86 -10.53
C GLY A 84 23.66 4.07 -11.13
N MET A 85 23.23 3.17 -12.02
CA MET A 85 21.89 3.19 -12.59
C MET A 85 21.20 1.88 -12.25
N ILE A 86 19.93 1.96 -11.87
CA ILE A 86 19.17 0.82 -11.34
C ILE A 86 17.99 0.55 -12.25
N GLY A 87 17.85 -0.69 -12.70
CA GLY A 87 16.73 -1.09 -13.52
C GLY A 87 15.99 -2.25 -12.91
N VAL A 88 14.72 -2.37 -13.27
CA VAL A 88 13.84 -3.42 -12.78
C VAL A 88 13.39 -4.26 -13.97
N LEU A 89 13.64 -5.57 -13.90
CA LEU A 89 13.36 -6.49 -14.98
C LEU A 89 12.51 -7.63 -14.44
N GLY A 90 11.25 -7.71 -14.86
CA GLY A 90 10.44 -8.85 -14.54
C GLY A 90 11.02 -10.14 -15.10
N ALA A 91 10.65 -11.25 -14.47
CA ALA A 91 11.18 -12.55 -14.89
C ALA A 91 10.60 -13.01 -16.22
N ASP A 92 9.51 -12.40 -16.68
CA ASP A 92 8.97 -12.69 -18.01
C ASP A 92 9.53 -11.78 -19.08
N ASP A 93 10.40 -10.84 -18.71
CA ASP A 93 10.96 -9.85 -19.62
C ASP A 93 12.39 -10.23 -20.03
N VAL A 94 12.86 -9.60 -21.09
CA VAL A 94 14.26 -9.70 -21.53
C VAL A 94 14.72 -8.35 -22.01
N TYR A 95 15.95 -8.00 -21.66
CA TYR A 95 16.61 -6.83 -22.22
C TYR A 95 17.08 -7.13 -23.64
N LYS A 96 17.01 -6.13 -24.50
CA LYS A 96 17.53 -6.26 -25.86
C LYS A 96 19.05 -6.13 -25.83
N PRO A 97 19.72 -6.46 -26.93
CA PRO A 97 21.18 -6.30 -26.96
C PRO A 97 21.60 -4.85 -26.84
N ASN A 98 22.67 -4.62 -26.10
CA ASN A 98 23.40 -3.36 -25.99
C ASN A 98 22.71 -2.33 -25.11
N VAL A 99 21.54 -2.65 -24.53
CA VAL A 99 20.77 -1.65 -23.81
C VAL A 99 21.56 -1.07 -22.64
N LEU A 100 22.30 -1.93 -21.93
CA LEU A 100 22.97 -1.47 -20.71
C LEU A 100 24.11 -0.51 -21.03
N SER A 101 24.81 -0.69 -22.14
CA SER A 101 25.78 0.30 -22.56
C SER A 101 25.10 1.58 -22.99
N VAL A 102 23.94 1.47 -23.66
CA VAL A 102 23.17 2.65 -24.04
C VAL A 102 22.75 3.44 -22.80
N VAL A 103 22.39 2.73 -21.72
CA VAL A 103 22.02 3.42 -20.50
C VAL A 103 23.23 4.08 -19.86
N LYS A 104 24.36 3.34 -19.79
CA LYS A 104 25.59 3.92 -19.25
C LYS A 104 26.02 5.14 -20.05
N GLU A 105 25.88 5.09 -21.37
CA GLU A 105 26.26 6.21 -22.22
C GLU A 105 25.45 7.45 -21.88
N ASN A 106 24.12 7.32 -21.84
CA ASN A 106 23.26 8.47 -21.60
C ASN A 106 23.32 8.97 -20.17
N ALA A 107 23.76 8.13 -19.22
CA ALA A 107 23.90 8.57 -17.84
C ALA A 107 25.13 9.43 -17.63
N SER A 108 26.21 9.17 -18.39
CA SER A 108 27.44 9.92 -18.23
C SER A 108 27.22 11.43 -18.36
N ARG A 109 26.14 11.84 -19.02
CA ARG A 109 25.83 13.26 -19.18
C ARG A 109 25.13 13.86 -17.97
N GLY A 110 24.81 13.06 -16.95
CA GLY A 110 24.17 13.56 -15.76
C GLY A 110 22.69 13.27 -15.65
N VAL A 111 22.05 12.84 -16.73
CA VAL A 111 20.63 12.49 -16.67
C VAL A 111 20.44 11.46 -15.57
N GLU A 112 19.43 11.69 -14.72
CA GLU A 112 19.15 10.79 -13.61
C GLU A 112 18.24 9.63 -13.98
N ILE A 113 17.44 9.78 -15.03
CA ILE A 113 16.56 8.72 -15.52
C ILE A 113 16.83 8.54 -17.01
N VAL A 114 17.00 7.29 -17.43
CA VAL A 114 17.08 6.94 -18.84
C VAL A 114 16.00 5.90 -19.11
N ALA A 115 15.13 6.20 -20.07
CA ALA A 115 14.00 5.34 -20.40
C ALA A 115 14.02 5.02 -21.88
N GLY A 116 13.72 3.77 -22.22
CA GLY A 116 13.66 3.34 -23.59
C GLY A 116 12.26 2.91 -24.00
N LEU A 117 12.14 2.33 -25.18
CA LEU A 117 10.86 1.84 -25.68
C LEU A 117 10.61 0.44 -25.14
N THR A 118 9.35 0.02 -25.23
CA THR A 118 8.92 -1.29 -24.74
C THR A 118 8.20 -2.02 -25.86
N LEU A 119 8.53 -3.30 -26.02
CA LEU A 119 7.87 -4.16 -26.99
C LEU A 119 6.87 -5.05 -26.24
N ILE A 120 5.58 -4.82 -26.48
CA ILE A 120 4.51 -5.59 -25.86
C ILE A 120 3.80 -6.37 -26.95
N ASP A 121 4.05 -7.68 -27.02
CA ASP A 121 3.46 -8.54 -28.03
C ASP A 121 3.77 -8.03 -29.43
N GLY A 122 5.05 -7.74 -29.66
CA GLY A 122 5.46 -7.25 -30.96
C GLY A 122 4.86 -5.93 -31.35
N GLN A 123 4.43 -5.13 -30.38
CA GLN A 123 3.95 -3.78 -30.64
C GLN A 123 4.64 -2.82 -29.68
N LEU A 124 4.95 -1.63 -30.18
CA LEU A 124 5.51 -0.60 -29.32
C LEU A 124 4.44 -0.11 -28.35
N ARG A 125 4.79 -0.11 -27.06
CA ARG A 125 3.96 0.57 -26.08
C ARG A 125 3.78 2.03 -26.50
N ALA A 126 2.54 2.50 -26.47
CA ALA A 126 2.21 3.87 -26.86
C ALA A 126 2.65 4.81 -25.74
N ASP A 127 3.95 5.08 -25.70
CA ASP A 127 4.50 5.91 -24.64
C ASP A 127 3.98 7.34 -24.73
N GLU A 128 4.03 8.03 -23.60
CA GLU A 128 3.78 9.46 -23.51
C GLU A 128 5.03 10.14 -22.99
N GLN A 129 5.10 11.45 -23.21
CA GLN A 129 6.27 12.21 -22.79
C GLN A 129 6.34 12.34 -21.27
N TYR A 130 7.55 12.32 -20.76
CA TYR A 130 7.87 12.62 -19.36
C TYR A 130 7.73 14.13 -19.17
N ARG A 131 6.56 14.57 -18.68
CA ARG A 131 6.24 15.98 -18.56
C ARG A 131 4.96 16.14 -17.74
N PRO A 132 4.55 17.36 -17.40
CA PRO A 132 3.33 17.56 -16.61
C PRO A 132 2.15 16.74 -17.10
N ALA A 133 1.98 16.62 -18.41
CA ALA A 133 0.82 15.91 -18.96
C ALA A 133 0.77 14.45 -18.53
N ALA A 134 1.91 13.86 -18.16
CA ALA A 134 1.89 12.50 -17.61
C ALA A 134 1.08 12.43 -16.32
N LEU A 135 1.08 13.51 -15.55
CA LEU A 135 0.47 13.53 -14.22
C LEU A 135 -1.04 13.35 -14.25
N ILE A 136 -1.67 13.29 -15.41
CA ILE A 136 -3.10 13.01 -15.50
C ILE A 136 -3.27 11.75 -16.32
N SER A 137 -2.24 10.90 -16.31
CA SER A 137 -2.23 9.67 -17.10
C SER A 137 -1.60 8.58 -16.24
N GLY A 138 -1.20 7.50 -16.88
CA GLY A 138 -0.45 6.45 -16.23
C GLY A 138 1.05 6.70 -16.32
N ILE A 139 1.82 5.63 -16.17
CA ILE A 139 3.28 5.75 -16.30
C ILE A 139 3.60 6.05 -17.77
N PRO A 140 4.41 7.08 -18.07
CA PRO A 140 4.58 7.49 -19.47
C PRO A 140 5.37 6.51 -20.31
N PHE A 141 6.35 5.83 -19.74
CA PHE A 141 7.12 4.80 -20.42
C PHE A 141 7.00 3.49 -19.64
N GLY A 142 7.30 2.39 -20.32
CA GLY A 142 7.28 1.09 -19.66
C GLY A 142 8.18 1.05 -18.46
N HIS A 143 7.68 0.55 -17.33
CA HIS A 143 8.46 0.55 -16.10
C HIS A 143 9.77 -0.21 -16.28
N ASN A 144 9.73 -1.34 -16.97
CA ASN A 144 10.93 -2.15 -17.14
C ASN A 144 11.91 -1.57 -18.15
N ALA A 145 11.51 -0.55 -18.90
CA ALA A 145 12.40 0.18 -19.79
C ALA A 145 13.01 1.41 -19.14
N MET A 146 12.84 1.57 -17.82
CA MET A 146 13.34 2.73 -17.10
C MET A 146 14.55 2.35 -16.25
N PHE A 147 15.57 3.20 -16.29
CA PHE A 147 16.71 3.13 -15.39
C PHE A 147 16.82 4.44 -14.63
N ALA A 148 17.10 4.37 -13.33
CA ALA A 148 17.19 5.54 -12.49
C ALA A 148 18.43 5.45 -11.63
N SER A 149 19.14 6.58 -11.51
CA SER A 149 20.39 6.61 -10.77
C SER A 149 20.15 6.35 -9.29
N GLN A 150 21.25 6.10 -8.58
CA GLN A 150 21.21 6.06 -7.12
C GLN A 150 20.65 7.35 -6.55
N GLU A 151 21.07 8.50 -7.10
CA GLU A 151 20.57 9.78 -6.60
C GLU A 151 19.07 9.90 -6.80
N ALA A 152 18.56 9.51 -7.97
CA ALA A 152 17.13 9.65 -8.25
C ALA A 152 16.29 8.90 -7.21
N TYR A 153 16.63 7.64 -6.95
CA TYR A 153 15.89 6.91 -5.92
C TYR A 153 16.06 7.54 -4.55
N ARG A 154 17.29 7.95 -4.23
CA ARG A 154 17.52 8.62 -2.94
C ARG A 154 16.72 9.90 -2.82
N LYS A 155 16.47 10.60 -3.94
CA LYS A 155 15.65 11.81 -3.89
C LYS A 155 14.16 11.49 -3.84
N VAL A 156 13.70 10.55 -4.66
CA VAL A 156 12.26 10.33 -4.81
C VAL A 156 11.71 9.43 -3.71
N GLY A 157 12.44 8.39 -3.35
CA GLY A 157 11.98 7.43 -2.37
C GLY A 157 11.64 6.10 -3.00
N LEU A 158 11.10 5.21 -2.18
CA LEU A 158 10.75 3.86 -2.59
C LEU A 158 9.34 3.82 -3.19
N TYR A 159 8.94 2.65 -3.65
CA TYR A 159 7.63 2.47 -4.22
C TYR A 159 6.59 2.30 -3.12
N ASP A 160 5.45 2.95 -3.31
CA ASP A 160 4.40 3.05 -2.29
C ASP A 160 3.55 1.77 -2.34
N LEU A 161 3.67 0.93 -1.30
CA LEU A 161 3.00 -0.36 -1.28
C LEU A 161 1.48 -0.25 -1.26
N ALA A 162 0.92 0.94 -1.04
CA ALA A 162 -0.52 1.09 -1.14
C ALA A 162 -1.03 0.83 -2.56
N TYR A 163 -0.16 0.95 -3.56
CA TYR A 163 -0.51 0.70 -4.96
C TYR A 163 0.14 -0.60 -5.40
N ARG A 164 -0.68 -1.66 -5.50
CA ARG A 164 -0.19 -2.98 -5.86
C ARG A 164 0.08 -3.15 -7.35
N ILE A 165 -0.41 -2.24 -8.19
CA ILE A 165 -0.24 -2.32 -9.63
C ILE A 165 0.54 -1.13 -10.16
N CYS A 166 0.07 0.09 -9.86
CA CYS A 166 0.59 1.31 -10.46
C CYS A 166 1.51 2.09 -9.53
N ALA A 167 2.17 1.40 -8.60
CA ALA A 167 3.16 2.07 -7.76
C ALA A 167 4.31 2.61 -8.61
N ASP A 168 4.60 1.97 -9.74
CA ASP A 168 5.63 2.51 -10.63
C ASP A 168 5.20 3.83 -11.24
N ALA A 169 3.94 3.93 -11.68
CA ALA A 169 3.44 5.19 -12.20
C ALA A 169 3.50 6.29 -11.12
N GLU A 170 3.11 5.95 -9.89
CA GLU A 170 3.16 6.94 -8.81
C GLU A 170 4.59 7.42 -8.57
N TRP A 171 5.56 6.50 -8.62
CA TRP A 171 6.95 6.87 -8.44
C TRP A 171 7.42 7.82 -9.54
N VAL A 172 7.07 7.51 -10.79
CA VAL A 172 7.50 8.36 -11.90
C VAL A 172 6.86 9.74 -11.80
N HIS A 173 5.58 9.80 -11.41
CA HIS A 173 4.92 11.08 -11.23
C HIS A 173 5.61 11.90 -10.14
N ARG A 174 5.98 11.26 -9.03
CA ARG A 174 6.80 11.92 -8.02
C ARG A 174 8.12 12.40 -8.61
N ALA A 175 8.68 11.63 -9.54
CA ALA A 175 9.91 12.07 -10.21
C ALA A 175 9.67 13.32 -11.04
N ILE A 176 8.64 13.29 -11.89
CA ILE A 176 8.26 14.48 -12.65
C ILE A 176 8.07 15.67 -11.72
N LYS A 177 7.24 15.48 -10.69
CA LYS A 177 6.96 16.59 -9.79
C LYS A 177 8.21 17.07 -9.08
N SER A 178 9.23 16.22 -8.96
CA SER A 178 10.47 16.58 -8.31
C SER A 178 11.51 17.12 -9.27
N ASP A 179 11.18 17.30 -10.55
CA ASP A 179 12.11 17.81 -11.55
CA ASP A 179 12.11 17.81 -11.55
C ASP A 179 13.34 16.92 -11.66
N ILE A 180 13.11 15.60 -11.69
CA ILE A 180 14.18 14.64 -11.92
C ILE A 180 14.43 14.56 -13.43
N SER A 181 15.68 14.76 -13.84
CA SER A 181 16.00 14.82 -15.26
C SER A 181 15.79 13.46 -15.92
N CYS A 182 15.20 13.49 -17.11
CA CYS A 182 14.87 12.27 -17.85
C CYS A 182 15.23 12.43 -19.31
N ARG A 183 15.87 11.40 -19.87
CA ARG A 183 16.14 11.32 -21.29
C ARG A 183 15.50 10.06 -21.85
N LYS A 184 14.57 10.23 -22.79
CA LYS A 184 13.92 9.11 -23.46
C LYS A 184 14.75 8.70 -24.67
N VAL A 185 15.10 7.42 -24.75
CA VAL A 185 15.86 6.89 -25.87
C VAL A 185 14.92 6.11 -26.78
N GLU A 186 14.92 6.46 -28.06
CA GLU A 186 14.02 5.85 -29.04
C GLU A 186 14.58 4.51 -29.52
N GLN A 187 14.78 3.60 -28.56
CA GLN A 187 15.23 2.25 -28.84
C GLN A 187 14.48 1.30 -27.92
N VAL A 188 14.22 0.09 -28.41
CA VAL A 188 13.56 -0.92 -27.58
C VAL A 188 14.55 -1.40 -26.53
N PHE A 189 14.18 -1.23 -25.26
CA PHE A 189 15.01 -1.70 -24.16
C PHE A 189 14.62 -3.10 -23.72
N VAL A 190 13.32 -3.36 -23.59
CA VAL A 190 12.82 -4.61 -23.04
C VAL A 190 11.76 -5.18 -23.96
N GLU A 191 11.63 -6.50 -23.95
CA GLU A 191 10.52 -7.18 -24.59
C GLU A 191 9.69 -7.84 -23.48
N PHE A 192 8.50 -7.31 -23.26
CA PHE A 192 7.64 -7.75 -22.18
C PHE A 192 7.08 -9.15 -22.46
N GLY A 193 6.82 -9.88 -21.39
CA GLY A 193 6.30 -11.23 -21.51
C GLY A 193 4.79 -11.29 -21.46
N THR A 200 -4.09 -9.57 -14.27
CA THR A 200 -4.59 -8.45 -13.48
C THR A 200 -5.95 -7.97 -13.99
N ASN A 201 -6.90 -7.85 -13.08
CA ASN A 201 -8.24 -7.40 -13.45
C ASN A 201 -8.16 -5.98 -14.02
N PRO A 202 -8.79 -5.71 -15.16
CA PRO A 202 -8.75 -4.33 -15.70
C PRO A 202 -9.33 -3.31 -14.74
N GLU A 203 -10.48 -3.60 -14.14
CA GLU A 203 -11.09 -2.67 -13.19
C GLU A 203 -10.09 -2.22 -12.13
N GLU A 204 -9.28 -3.16 -11.62
CA GLU A 204 -8.30 -2.79 -10.60
C GLU A 204 -7.22 -1.89 -11.17
N ILE A 205 -6.77 -2.17 -12.40
CA ILE A 205 -5.81 -1.28 -13.07
C ILE A 205 -6.35 0.15 -13.10
N ILE A 206 -7.58 0.31 -13.59
CA ILE A 206 -8.15 1.64 -13.74
C ILE A 206 -8.30 2.31 -12.38
N ALA A 207 -8.89 1.59 -11.42
CA ALA A 207 -9.07 2.15 -10.08
C ALA A 207 -7.76 2.69 -9.53
N GLU A 208 -6.67 1.94 -9.68
CA GLU A 208 -5.39 2.41 -9.15
C GLU A 208 -4.86 3.60 -9.94
N ALA A 209 -5.04 3.60 -11.27
CA ALA A 209 -4.57 4.73 -12.08
C ALA A 209 -5.29 6.03 -11.70
N CYS A 210 -6.62 5.96 -11.53
CA CYS A 210 -7.37 7.15 -11.12
C CYS A 210 -6.89 7.67 -9.76
N SER A 211 -6.67 6.76 -8.81
CA SER A 211 -6.21 7.17 -7.49
C SER A 211 -4.84 7.82 -7.56
N VAL A 212 -3.95 7.29 -8.40
CA VAL A 212 -2.63 7.89 -8.58
C VAL A 212 -2.77 9.31 -9.11
N ILE A 213 -3.71 9.53 -10.03
CA ILE A 213 -3.92 10.87 -10.59
C ILE A 213 -4.43 11.82 -9.52
N GLN A 214 -5.37 11.37 -8.68
CA GLN A 214 -5.85 12.21 -7.59
C GLN A 214 -4.74 12.56 -6.62
N ARG A 215 -3.71 11.71 -6.53
CA ARG A 215 -2.59 11.99 -5.66
C ARG A 215 -1.74 13.15 -6.18
N ASN A 216 -1.77 13.40 -7.49
CA ASN A 216 -1.14 14.60 -8.03
C ASN A 216 -2.03 15.82 -7.84
N PHE A 217 -3.34 15.64 -7.99
CA PHE A 217 -4.31 16.74 -7.97
C PHE A 217 -5.43 16.33 -7.03
N PRO A 218 -5.24 16.54 -5.73
CA PRO A 218 -6.23 16.06 -4.74
C PRO A 218 -7.62 16.67 -4.90
N PHE A 219 -7.77 17.75 -5.67
CA PHE A 219 -9.08 18.37 -5.84
C PHE A 219 -9.99 17.60 -6.79
N LEU A 220 -9.48 16.61 -7.50
CA LEU A 220 -10.25 15.89 -8.49
C LEU A 220 -11.14 14.84 -7.85
N LEU A 221 -12.42 14.84 -8.20
CA LEU A 221 -13.25 13.68 -7.92
C LEU A 221 -12.72 12.49 -8.72
N LYS A 222 -13.02 11.28 -8.23
CA LYS A 222 -12.54 10.08 -8.90
C LYS A 222 -13.03 10.02 -10.35
N GLU A 223 -14.30 10.36 -10.58
CA GLU A 223 -14.84 10.38 -11.94
C GLU A 223 -14.08 11.37 -12.82
N GLU A 224 -13.67 12.50 -12.24
CA GLU A 224 -12.93 13.49 -13.01
C GLU A 224 -11.54 12.98 -13.39
N ALA A 225 -10.85 12.30 -12.47
CA ALA A 225 -9.57 11.69 -12.81
C ALA A 225 -9.73 10.63 -13.89
N LYS A 226 -10.80 9.83 -13.82
CA LYS A 226 -11.01 8.81 -14.83
C LYS A 226 -11.29 9.44 -16.19
N TYR A 227 -12.09 10.50 -16.24
CA TYR A 227 -12.35 11.19 -17.50
C TYR A 227 -11.06 11.67 -18.13
N LEU A 228 -10.17 12.27 -17.33
CA LEU A 228 -8.90 12.74 -17.86
C LEU A 228 -8.06 11.59 -18.40
N LEU A 229 -7.94 10.51 -17.61
CA LEU A 229 -7.20 9.34 -18.08
C LEU A 229 -7.74 8.85 -19.42
N TYR A 230 -9.06 8.70 -19.53
CA TYR A 230 -9.65 8.22 -20.78
C TYR A 230 -9.43 9.24 -21.90
N GLY A 231 -9.58 10.53 -21.60
CA GLY A 231 -9.35 11.54 -22.61
C GLY A 231 -7.94 11.48 -23.18
N VAL A 232 -6.94 11.39 -22.29
CA VAL A 232 -5.56 11.37 -22.74
C VAL A 232 -5.24 10.07 -23.49
N ARG A 233 -5.67 8.94 -22.94
CA ARG A 233 -5.38 7.65 -23.54
C ARG A 233 -6.20 7.37 -24.79
N GLY A 234 -7.08 8.30 -25.18
CA GLY A 234 -7.96 8.09 -26.32
C GLY A 234 -9.08 7.11 -26.10
N TRP A 235 -9.39 6.77 -24.84
CA TRP A 235 -10.45 5.81 -24.54
C TRP A 235 -11.82 6.46 -24.39
N GLY A 236 -11.87 7.79 -24.18
CA GLY A 236 -13.12 8.51 -24.03
C GLY A 236 -13.04 9.87 -24.68
N GLU A 237 -14.19 10.54 -24.71
CA GLU A 237 -14.31 11.85 -25.33
C GLU A 237 -13.49 12.88 -24.55
N THR A 238 -13.51 14.13 -25.05
CA THR A 238 -12.75 15.21 -24.42
C THR A 238 -13.52 16.52 -24.35
N SER A 239 -14.84 16.50 -24.60
CA SER A 239 -15.60 17.76 -24.63
C SER A 239 -15.66 18.46 -23.28
N ARG A 240 -15.47 17.74 -22.18
CA ARG A 240 -15.57 18.32 -20.85
C ARG A 240 -14.22 18.73 -20.27
N ILE A 241 -13.15 18.67 -21.06
CA ILE A 241 -11.83 19.09 -20.56
C ILE A 241 -11.85 20.57 -20.20
N GLU A 242 -12.45 21.40 -21.06
CA GLU A 242 -12.53 22.83 -20.75
C GLU A 242 -13.36 23.09 -19.49
N GLN A 243 -14.39 22.26 -19.25
CA GLN A 243 -15.14 22.38 -18.01
C GLN A 243 -14.25 22.09 -16.81
N ILE A 244 -13.56 20.94 -16.83
CA ILE A 244 -12.64 20.59 -15.75
C ILE A 244 -11.60 21.68 -15.57
N LEU A 245 -11.07 22.22 -16.67
CA LEU A 245 -10.02 23.23 -16.59
C LEU A 245 -10.52 24.48 -15.87
N ARG A 246 -11.70 24.98 -16.24
CA ARG A 246 -12.26 26.15 -15.58
C ARG A 246 -12.56 25.88 -14.12
N LYS A 247 -12.98 24.66 -13.80
CA LYS A 247 -13.37 24.34 -12.43
C LYS A 247 -12.16 24.37 -11.49
N TYR A 248 -11.04 23.79 -11.91
CA TYR A 248 -9.89 23.60 -11.04
C TYR A 248 -8.64 24.34 -11.49
N GLY A 249 -8.70 25.09 -12.59
CA GLY A 249 -7.50 25.75 -13.09
C GLY A 249 -6.84 26.64 -12.04
N HIS A 250 -7.64 27.34 -11.24
CA HIS A 250 -7.11 28.21 -10.19
C HIS A 250 -6.28 27.44 -9.18
N GLU A 251 -6.52 26.14 -9.02
CA GLU A 251 -5.84 25.37 -7.98
C GLU A 251 -4.34 25.31 -8.23
N SER A 252 -3.94 24.88 -9.42
CA SER A 252 -2.54 24.61 -9.70
C SER A 252 -2.16 25.05 -11.10
N VAL A 253 -1.08 25.82 -11.21
CA VAL A 253 -0.49 26.08 -12.52
C VAL A 253 0.02 24.77 -13.14
N LEU A 254 0.47 23.84 -12.29
CA LEU A 254 0.90 22.53 -12.78
C LEU A 254 -0.26 21.78 -13.42
N PHE A 255 -1.47 21.94 -12.86
CA PHE A 255 -2.64 21.29 -13.44
C PHE A 255 -3.03 21.94 -14.77
N VAL A 256 -2.99 23.27 -14.83
CA VAL A 256 -3.27 23.95 -16.10
C VAL A 256 -2.25 23.53 -17.15
N THR A 257 -0.97 23.52 -16.77
CA THR A 257 0.07 23.08 -17.70
C THR A 257 -0.19 21.66 -18.19
N ALA A 258 -0.64 20.77 -17.30
CA ALA A 258 -0.84 19.39 -17.69
C ALA A 258 -1.95 19.23 -18.71
N LEU A 259 -3.04 19.99 -18.55
CA LEU A 259 -4.18 19.82 -19.45
C LEU A 259 -3.91 20.42 -20.81
N GLN A 260 -3.22 21.56 -20.87
CA GLN A 260 -2.95 22.18 -22.17
C GLN A 260 -1.93 21.37 -22.96
N GLU A 261 -0.92 20.81 -22.29
CA GLU A 261 -0.03 19.86 -22.96
C GLU A 261 -0.79 18.66 -23.48
N ALA A 262 -1.62 18.05 -22.62
CA ALA A 262 -2.32 16.82 -23.00
C ALA A 262 -3.37 17.07 -24.06
N PHE A 263 -4.10 18.19 -23.94
CA PHE A 263 -5.20 18.51 -24.84
C PHE A 263 -4.93 19.86 -25.49
N PRO A 264 -4.10 19.89 -26.54
CA PRO A 264 -3.83 21.18 -27.21
C PRO A 264 -5.07 21.93 -27.66
N ALA A 265 -6.24 21.28 -27.71
CA ALA A 265 -7.46 21.98 -28.11
C ALA A 265 -7.90 23.01 -27.09
N VAL A 266 -7.39 22.94 -25.85
CA VAL A 266 -7.82 23.82 -24.77
C VAL A 266 -6.80 24.94 -24.53
N GLU A 267 -5.91 25.21 -25.50
CA GLU A 267 -4.87 26.19 -25.27
C GLU A 267 -5.44 27.55 -24.92
N THR A 268 -6.35 28.07 -25.74
CA THR A 268 -6.91 29.39 -25.48
C THR A 268 -7.51 29.48 -24.09
N ALA A 269 -8.11 28.38 -23.61
CA ALA A 269 -8.69 28.37 -22.27
C ALA A 269 -7.60 28.31 -21.21
N ALA A 270 -6.52 27.57 -21.46
CA ALA A 270 -5.39 27.55 -20.54
C ALA A 270 -4.82 28.95 -20.38
N ALA A 271 -4.66 29.67 -21.49
CA ALA A 271 -4.22 31.06 -21.44
C ALA A 271 -4.99 31.86 -20.41
N LEU A 272 -6.32 31.71 -20.40
CA LEU A 272 -7.14 32.46 -19.46
C LEU A 272 -6.83 32.07 -18.02
N GLU A 273 -6.64 30.77 -17.76
CA GLU A 273 -6.34 30.34 -16.40
C GLU A 273 -5.01 30.90 -15.92
N HIS A 274 -3.96 30.77 -16.75
CA HIS A 274 -2.68 31.38 -16.40
C HIS A 274 -2.83 32.85 -16.09
N HIS A 275 -3.66 33.55 -16.88
CA HIS A 275 -3.77 35.00 -16.77
C HIS A 275 -4.53 35.40 -15.51
N HIS A 276 -5.68 34.78 -15.27
CA HIS A 276 -6.51 35.17 -14.14
C HIS A 276 -6.00 34.62 -12.81
N HIS A 277 -5.14 33.60 -12.82
CA HIS A 277 -4.81 32.88 -11.60
C HIS A 277 -3.32 32.66 -11.35
N HIS A 278 -2.48 32.66 -12.37
CA HIS A 278 -1.07 32.33 -12.18
C HIS A 278 -0.15 33.28 -12.95
N PHE B 5 -8.73 15.72 25.69
CA PHE B 5 -9.88 14.82 25.55
C PHE B 5 -9.59 13.46 26.15
N ASP B 6 -10.62 12.84 26.72
CA ASP B 6 -10.48 11.45 27.17
C ASP B 6 -10.27 10.52 25.98
N ILE B 7 -11.10 10.64 24.96
CA ILE B 7 -11.12 9.72 23.84
C ILE B 7 -11.12 10.51 22.53
N THR B 8 -10.34 10.01 21.56
CA THR B 8 -10.47 10.41 20.17
C THR B 8 -11.02 9.22 19.39
N VAL B 9 -12.16 9.42 18.75
CA VAL B 9 -12.74 8.40 17.87
C VAL B 9 -12.48 8.82 16.43
N VAL B 10 -11.91 7.90 15.65
CA VAL B 10 -11.62 8.12 14.24
C VAL B 10 -12.63 7.34 13.43
N ILE B 11 -13.34 8.02 12.54
CA ILE B 11 -14.37 7.41 11.71
C ILE B 11 -14.00 7.63 10.25
N PRO B 12 -13.44 6.62 9.59
CA PRO B 12 -13.22 6.71 8.14
C PRO B 12 -14.53 6.53 7.40
N THR B 13 -14.74 7.33 6.36
CA THR B 13 -15.99 7.28 5.62
C THR B 13 -15.74 7.46 4.13
N PHE B 14 -16.47 6.67 3.34
CA PHE B 14 -16.65 6.93 1.92
C PHE B 14 -18.06 6.53 1.54
N LYS B 15 -18.79 7.44 0.90
CA LYS B 15 -20.19 7.25 0.56
C LYS B 15 -20.91 6.50 1.67
N ALA B 16 -21.08 7.17 2.82
CA ALA B 16 -21.70 6.57 4.00
C ALA B 16 -22.86 7.41 4.50
N GLU B 17 -23.56 8.10 3.59
CA GLU B 17 -24.68 8.93 4.00
C GLU B 17 -25.80 8.11 4.61
N LYS B 18 -25.94 6.85 4.22
CA LYS B 18 -27.04 6.02 4.71
C LYS B 18 -26.94 5.75 6.21
N THR B 19 -25.72 5.65 6.75
CA THR B 19 -25.54 5.20 8.12
C THR B 19 -24.66 6.08 9.00
N VAL B 20 -24.12 7.18 8.48
CA VAL B 20 -23.16 7.95 9.25
C VAL B 20 -23.85 8.68 10.41
N GLY B 21 -25.12 9.04 10.23
CA GLY B 21 -25.83 9.73 11.32
C GLY B 21 -25.92 8.88 12.57
N GLN B 22 -26.21 7.59 12.41
CA GLN B 22 -26.30 6.71 13.58
C GLN B 22 -24.93 6.52 14.22
N CYS B 23 -23.89 6.42 13.41
CA CYS B 23 -22.53 6.29 13.92
C CYS B 23 -22.19 7.42 14.88
N LEU B 24 -22.28 8.67 14.39
CA LEU B 24 -21.97 9.82 15.22
C LEU B 24 -22.89 9.89 16.45
N GLU B 25 -24.12 9.41 16.30
CA GLU B 25 -25.06 9.44 17.43
C GLU B 25 -24.57 8.57 18.59
N SER B 26 -23.90 7.45 18.28
CA SER B 26 -23.46 6.54 19.33
C SER B 26 -22.23 7.03 20.06
N VAL B 27 -21.46 7.94 19.46
CA VAL B 27 -20.32 8.55 20.14
C VAL B 27 -20.75 9.77 20.94
N LEU B 28 -21.53 10.66 20.33
CA LEU B 28 -21.88 11.91 20.98
C LEU B 28 -22.73 11.69 22.22
N SER B 29 -23.46 10.57 22.28
CA SER B 29 -24.29 10.26 23.44
C SER B 29 -23.50 9.59 24.56
N GLN B 30 -22.21 9.30 24.36
CA GLN B 30 -21.41 8.65 25.38
C GLN B 30 -21.23 9.57 26.58
N GLN B 31 -21.54 9.08 27.76
CA GLN B 31 -21.46 9.86 28.98
C GLN B 31 -20.19 9.55 29.77
N GLY B 32 -19.82 10.49 30.63
CA GLY B 32 -18.67 10.33 31.51
C GLY B 32 -17.33 10.65 30.90
N VAL B 33 -17.28 11.08 29.64
CA VAL B 33 -16.01 11.34 28.97
C VAL B 33 -16.06 12.69 28.26
N SER B 34 -14.87 13.17 27.90
CA SER B 34 -14.69 14.21 26.91
C SER B 34 -14.16 13.54 25.66
N THR B 35 -14.91 13.63 24.56
CA THR B 35 -14.60 12.88 23.35
C THR B 35 -14.33 13.84 22.19
N GLU B 36 -13.26 13.56 21.45
CA GLU B 36 -12.96 14.23 20.20
C GLU B 36 -13.22 13.26 19.06
N ILE B 37 -13.91 13.74 18.02
CA ILE B 37 -14.27 12.92 16.87
C ILE B 37 -13.53 13.47 15.65
N ILE B 38 -12.92 12.56 14.89
CA ILE B 38 -12.19 12.90 13.67
C ILE B 38 -12.76 12.05 12.55
N VAL B 39 -13.46 12.69 11.62
CA VAL B 39 -14.04 12.02 10.46
C VAL B 39 -13.10 12.22 9.29
N VAL B 40 -12.54 11.11 8.80
CA VAL B 40 -11.55 11.12 7.72
C VAL B 40 -12.25 10.60 6.48
N ASP B 41 -12.68 11.51 5.61
CA ASP B 41 -13.54 11.22 4.47
C ASP B 41 -12.72 11.24 3.18
N GLY B 42 -12.92 10.22 2.34
CA GLY B 42 -12.07 10.02 1.18
C GLY B 42 -12.58 10.64 -0.10
N GLY B 43 -13.29 11.75 0.00
CA GLY B 43 -13.82 12.40 -1.18
C GLY B 43 -15.18 11.87 -1.59
N SER B 44 -16.07 11.71 -0.62
CA SER B 44 -17.39 11.18 -0.90
C SER B 44 -18.15 12.13 -1.83
N PRO B 45 -18.72 11.64 -2.93
CA PRO B 45 -19.58 12.51 -3.77
C PRO B 45 -20.98 12.71 -3.20
N ASP B 46 -21.41 11.91 -2.23
CA ASP B 46 -22.75 12.02 -1.69
C ASP B 46 -22.77 13.10 -0.59
N ALA B 47 -23.85 13.14 0.17
CA ALA B 47 -24.05 14.16 1.20
C ALA B 47 -23.45 13.76 2.54
N THR B 48 -22.60 12.74 2.58
CA THR B 48 -21.98 12.32 3.83
C THR B 48 -21.43 13.51 4.61
N ILE B 49 -20.77 14.45 3.91
CA ILE B 49 -20.18 15.59 4.60
C ILE B 49 -21.26 16.53 5.13
N SER B 50 -22.38 16.66 4.42
CA SER B 50 -23.46 17.50 4.93
C SER B 50 -24.08 16.90 6.20
N ILE B 51 -24.23 15.57 6.26
CA ILE B 51 -24.76 14.94 7.45
C ILE B 51 -23.84 15.16 8.63
N VAL B 52 -22.53 14.93 8.43
CA VAL B 52 -21.57 15.14 9.51
C VAL B 52 -21.59 16.60 9.97
N GLN B 53 -21.53 17.53 9.01
CA GLN B 53 -21.45 18.94 9.37
C GLN B 53 -22.66 19.39 10.18
N SER B 54 -23.82 18.77 9.96
CA SER B 54 -25.01 19.13 10.73
C SER B 54 -24.74 19.01 12.23
N PHE B 55 -24.04 17.95 12.64
CA PHE B 55 -23.73 17.78 14.05
C PHE B 55 -22.82 18.91 14.54
N SER B 56 -23.08 19.36 15.77
CA SER B 56 -22.28 20.44 16.33
C SER B 56 -20.81 20.06 16.33
N SER B 57 -19.97 20.99 15.89
CA SER B 57 -18.55 20.75 15.70
C SER B 57 -17.71 21.12 16.91
N THR B 58 -18.33 21.29 18.09
CA THR B 58 -17.59 21.67 19.29
C THR B 58 -16.23 21.00 19.38
N ASN B 59 -16.19 19.69 19.09
CA ASN B 59 -14.92 18.96 19.09
C ASN B 59 -14.83 17.98 17.92
N LEU B 60 -15.65 18.15 16.88
CA LEU B 60 -15.58 17.31 15.70
C LEU B 60 -14.70 17.95 14.65
N THR B 61 -13.87 17.14 14.00
CA THR B 61 -13.03 17.57 12.89
C THR B 61 -13.30 16.67 11.68
N ILE B 62 -13.49 17.30 10.52
CA ILE B 62 -13.72 16.59 9.28
C ILE B 62 -12.51 16.78 8.37
N ILE B 63 -11.94 15.67 7.91
CA ILE B 63 -11.02 15.66 6.78
C ILE B 63 -11.75 15.04 5.60
N SER B 64 -11.63 15.69 4.44
CA SER B 64 -12.23 15.17 3.21
C SER B 64 -11.23 15.37 2.09
N GLU B 65 -10.66 14.27 1.62
CA GLU B 65 -9.67 14.32 0.56
C GLU B 65 -9.40 12.90 0.07
N PRO B 66 -8.96 12.72 -1.18
CA PRO B 66 -8.67 11.36 -1.65
C PRO B 66 -7.65 10.69 -0.74
N ASP B 67 -7.83 9.39 -0.55
CA ASP B 67 -6.90 8.60 0.24
C ASP B 67 -6.67 7.27 -0.48
N ARG B 68 -5.77 6.47 0.07
CA ARG B 68 -5.37 5.21 -0.55
C ARG B 68 -6.07 4.01 0.07
N GLY B 69 -7.15 4.24 0.80
CA GLY B 69 -7.94 3.18 1.38
C GLY B 69 -8.23 3.41 2.84
N ILE B 70 -9.03 2.50 3.39
CA ILE B 70 -9.55 2.67 4.74
C ILE B 70 -8.42 2.86 5.74
N TYR B 71 -7.32 2.14 5.57
CA TYR B 71 -6.24 2.27 6.54
C TYR B 71 -5.44 3.55 6.36
N ASP B 72 -5.38 4.08 5.14
CA ASP B 72 -4.78 5.40 4.94
C ASP B 72 -5.58 6.46 5.69
N ALA B 73 -6.91 6.43 5.55
CA ALA B 73 -7.76 7.34 6.31
C ALA B 73 -7.49 7.22 7.80
N ILE B 74 -7.39 5.99 8.29
CA ILE B 74 -7.25 5.77 9.73
C ILE B 74 -5.93 6.34 10.23
N ASN B 75 -4.85 6.19 9.45
CA ASN B 75 -3.58 6.79 9.85
C ASN B 75 -3.71 8.30 9.95
N LYS B 76 -4.40 8.92 8.99
CA LYS B 76 -4.59 10.37 9.04
C LYS B 76 -5.29 10.78 10.32
N GLY B 77 -6.34 10.05 10.69
CA GLY B 77 -7.06 10.38 11.92
C GLY B 77 -6.23 10.16 13.16
N VAL B 78 -5.58 8.99 13.25
CA VAL B 78 -4.72 8.70 14.39
C VAL B 78 -3.67 9.78 14.57
N SER B 79 -3.13 10.28 13.45
CA SER B 79 -2.05 11.26 13.52
C SER B 79 -2.51 12.58 14.12
N ARG B 80 -3.76 12.96 13.91
CA ARG B 80 -4.29 14.21 14.44
C ARG B 80 -4.96 14.03 15.79
N ALA B 81 -5.06 12.81 16.29
CA ALA B 81 -5.79 12.53 17.52
C ALA B 81 -5.10 13.18 18.71
N GLN B 82 -5.92 13.74 19.61
CA GLN B 82 -5.42 14.41 20.81
C GLN B 82 -6.02 13.84 22.09
N GLY B 83 -6.80 12.76 22.00
CA GLY B 83 -7.35 12.12 23.17
C GLY B 83 -6.42 11.05 23.75
N GLY B 84 -6.57 10.81 25.05
CA GLY B 84 -5.68 9.87 25.72
C GLY B 84 -5.79 8.46 25.16
N MET B 85 -6.99 8.03 24.79
CA MET B 85 -7.21 6.74 24.15
C MET B 85 -7.87 6.97 22.79
N ILE B 86 -7.52 6.12 21.83
CA ILE B 86 -7.92 6.30 20.44
C ILE B 86 -8.70 5.06 19.99
N GLY B 87 -9.89 5.29 19.45
CA GLY B 87 -10.66 4.21 18.88
C GLY B 87 -10.99 4.47 17.43
N VAL B 88 -11.37 3.42 16.69
CA VAL B 88 -11.73 3.53 15.29
C VAL B 88 -13.09 2.89 15.10
N LEU B 89 -14.02 3.63 14.50
CA LEU B 89 -15.40 3.20 14.37
C LEU B 89 -15.82 3.40 12.93
N GLY B 90 -16.23 2.31 12.27
CA GLY B 90 -16.72 2.43 10.92
C GLY B 90 -18.05 3.14 10.86
N ALA B 91 -18.34 3.75 9.71
CA ALA B 91 -19.60 4.46 9.54
C ALA B 91 -20.79 3.53 9.71
N ASP B 92 -20.59 2.21 9.60
CA ASP B 92 -21.65 1.22 9.75
C ASP B 92 -21.71 0.65 11.17
N ASP B 93 -20.89 1.13 12.09
CA ASP B 93 -20.84 0.61 13.44
C ASP B 93 -21.40 1.62 14.43
N VAL B 94 -21.70 1.13 15.63
CA VAL B 94 -22.11 1.97 16.76
C VAL B 94 -21.50 1.42 18.04
N TYR B 95 -21.00 2.31 18.88
CA TYR B 95 -20.62 1.94 20.24
C TYR B 95 -21.86 1.70 21.08
N LYS B 96 -21.74 0.81 22.07
CA LYS B 96 -22.80 0.64 23.03
C LYS B 96 -22.72 1.72 24.09
N PRO B 97 -23.83 2.01 24.76
CA PRO B 97 -23.82 3.04 25.81
C PRO B 97 -22.82 2.69 26.90
N ASN B 98 -22.06 3.71 27.32
CA ASN B 98 -21.13 3.63 28.45
C ASN B 98 -19.85 2.87 28.12
N VAL B 99 -19.53 2.69 26.84
CA VAL B 99 -18.27 2.03 26.50
C VAL B 99 -17.09 2.95 26.75
N LEU B 100 -17.23 4.24 26.38
CA LEU B 100 -16.10 5.15 26.46
C LEU B 100 -15.67 5.38 27.91
N SER B 101 -16.61 5.40 28.84
CA SER B 101 -16.21 5.54 30.25
C SER B 101 -15.52 4.27 30.75
N VAL B 102 -15.90 3.10 30.25
CA VAL B 102 -15.18 1.88 30.57
C VAL B 102 -13.74 1.99 30.11
N VAL B 103 -13.52 2.49 28.89
CA VAL B 103 -12.16 2.66 28.37
C VAL B 103 -11.37 3.60 29.26
N LYS B 104 -11.94 4.76 29.57
CA LYS B 104 -11.26 5.73 30.43
C LYS B 104 -11.00 5.13 31.81
N GLU B 105 -11.96 4.36 32.34
CA GLU B 105 -11.75 3.67 33.61
C GLU B 105 -10.52 2.80 33.57
N ASN B 106 -10.41 1.93 32.55
CA ASN B 106 -9.23 1.08 32.43
C ASN B 106 -8.00 1.91 32.06
N ALA B 107 -8.17 2.90 31.18
CA ALA B 107 -7.05 3.77 30.85
C ALA B 107 -6.48 4.46 32.08
N SER B 108 -7.36 4.83 33.02
CA SER B 108 -6.91 5.54 34.22
C SER B 108 -6.00 4.68 35.09
N ARG B 109 -6.05 3.35 34.95
CA ARG B 109 -5.14 2.49 35.69
C ARG B 109 -3.78 2.37 35.02
N GLY B 110 -3.68 2.66 33.73
CA GLY B 110 -2.40 2.62 33.04
C GLY B 110 -2.34 1.59 31.93
N VAL B 111 -3.49 1.10 31.50
CA VAL B 111 -3.53 0.11 30.43
C VAL B 111 -3.34 0.80 29.09
N GLU B 112 -2.57 0.17 28.20
CA GLU B 112 -2.26 0.71 26.88
C GLU B 112 -3.36 0.41 25.87
N ILE B 113 -3.92 -0.78 25.89
CA ILE B 113 -4.99 -1.18 24.98
C ILE B 113 -6.16 -1.72 25.79
N VAL B 114 -7.36 -1.23 25.49
CA VAL B 114 -8.59 -1.72 26.07
C VAL B 114 -9.46 -2.20 24.92
N ALA B 115 -9.81 -3.48 24.93
CA ALA B 115 -10.66 -4.04 23.89
C ALA B 115 -11.84 -4.74 24.55
N GLY B 116 -12.94 -4.84 23.80
CA GLY B 116 -14.13 -5.50 24.29
C GLY B 116 -14.70 -6.46 23.25
N LEU B 117 -15.96 -6.82 23.44
CA LEU B 117 -16.62 -7.78 22.57
C LEU B 117 -17.26 -7.06 21.36
N THR B 118 -17.56 -7.86 20.34
CA THR B 118 -18.14 -7.37 19.10
C THR B 118 -19.41 -8.13 18.81
N LEU B 119 -20.50 -7.40 18.57
CA LEU B 119 -21.77 -7.99 18.18
C LEU B 119 -21.89 -7.87 16.65
N ILE B 120 -22.00 -9.02 15.98
CA ILE B 120 -22.08 -9.08 14.52
C ILE B 120 -23.30 -9.90 14.16
N ASP B 121 -24.25 -9.26 13.47
CA ASP B 121 -25.53 -9.90 13.16
C ASP B 121 -26.15 -10.52 14.42
N GLY B 122 -26.09 -9.79 15.52
CA GLY B 122 -26.70 -10.22 16.76
C GLY B 122 -25.99 -11.35 17.48
N GLN B 123 -24.77 -11.71 17.06
CA GLN B 123 -24.00 -12.75 17.71
C GLN B 123 -22.60 -12.22 18.03
N LEU B 124 -21.99 -12.81 19.05
CA LEU B 124 -20.67 -12.37 19.50
C LEU B 124 -19.59 -12.88 18.56
N ARG B 125 -18.66 -12.00 18.21
CA ARG B 125 -17.47 -12.41 17.48
C ARG B 125 -16.66 -13.38 18.33
N ALA B 126 -16.23 -14.48 17.72
CA ALA B 126 -15.39 -15.45 18.43
C ALA B 126 -13.99 -14.88 18.57
N ASP B 127 -13.62 -14.47 19.78
CA ASP B 127 -12.35 -13.83 20.04
C ASP B 127 -11.31 -14.84 20.53
N GLU B 128 -10.05 -14.44 20.43
CA GLU B 128 -8.92 -15.14 21.05
C GLU B 128 -8.23 -14.20 22.02
N GLN B 129 -7.32 -14.77 22.81
CA GLN B 129 -6.59 -13.98 23.81
C GLN B 129 -5.47 -13.19 23.16
N TYR B 130 -5.25 -11.99 23.68
CA TYR B 130 -4.12 -11.14 23.30
C TYR B 130 -2.86 -11.74 23.91
N ARG B 131 -2.10 -12.47 23.10
CA ARG B 131 -0.95 -13.23 23.57
C ARG B 131 -0.18 -13.79 22.38
N PRO B 132 1.01 -14.38 22.60
CA PRO B 132 1.77 -14.93 21.46
C PRO B 132 0.97 -15.83 20.53
N ALA B 133 0.05 -16.63 21.06
CA ALA B 133 -0.73 -17.55 20.24
C ALA B 133 -1.45 -16.84 19.11
N ALA B 134 -1.78 -15.55 19.31
CA ALA B 134 -2.48 -14.80 18.27
C ALA B 134 -1.56 -14.45 17.10
N LEU B 135 -0.25 -14.58 17.27
CA LEU B 135 0.70 -14.27 16.21
C LEU B 135 0.70 -15.32 15.10
N ILE B 136 0.09 -16.48 15.33
CA ILE B 136 -0.15 -17.45 14.28
C ILE B 136 -1.62 -17.46 13.86
N SER B 137 -2.37 -16.43 14.25
CA SER B 137 -3.78 -16.31 13.95
C SER B 137 -4.06 -14.94 13.35
N GLY B 138 -5.34 -14.58 13.29
CA GLY B 138 -5.74 -13.25 12.89
C GLY B 138 -5.77 -12.30 14.06
N ILE B 139 -6.55 -11.24 13.91
CA ILE B 139 -6.68 -10.28 15.01
C ILE B 139 -7.51 -10.90 16.14
N PRO B 140 -7.06 -10.83 17.40
CA PRO B 140 -7.73 -11.59 18.46
C PRO B 140 -9.08 -11.04 18.88
N PHE B 141 -9.39 -9.79 18.56
CA PHE B 141 -10.67 -9.18 18.87
C PHE B 141 -11.09 -8.30 17.69
N GLY B 142 -12.35 -7.92 17.67
CA GLY B 142 -12.81 -7.01 16.65
C GLY B 142 -12.03 -5.72 16.70
N HIS B 143 -11.59 -5.22 15.53
CA HIS B 143 -10.76 -4.02 15.54
C HIS B 143 -11.54 -2.80 16.03
N ASN B 144 -12.83 -2.71 15.68
CA ASN B 144 -13.63 -1.58 16.10
C ASN B 144 -13.97 -1.63 17.59
N ALA B 145 -13.69 -2.75 18.26
CA ALA B 145 -13.84 -2.85 19.69
C ALA B 145 -12.55 -2.53 20.44
N MET B 146 -11.51 -2.10 19.73
CA MET B 146 -10.22 -1.83 20.34
C MET B 146 -10.02 -0.34 20.57
N PHE B 147 -9.48 0.00 21.73
CA PHE B 147 -8.99 1.34 22.02
C PHE B 147 -7.53 1.24 22.43
N ALA B 148 -6.69 2.13 21.88
CA ALA B 148 -5.27 2.13 22.15
C ALA B 148 -4.80 3.53 22.49
N SER B 149 -3.87 3.63 23.43
CA SER B 149 -3.44 4.91 23.95
C SER B 149 -2.54 5.64 22.95
N GLN B 150 -2.36 6.94 23.19
CA GLN B 150 -1.39 7.72 22.44
C GLN B 150 -0.03 7.03 22.43
N GLU B 151 0.45 6.64 23.61
CA GLU B 151 1.76 6.02 23.71
C GLU B 151 1.81 4.71 22.94
N ALA B 152 0.71 3.95 22.95
CA ALA B 152 0.66 2.71 22.19
C ALA B 152 0.92 2.97 20.71
N TYR B 153 0.13 3.87 20.10
CA TYR B 153 0.35 4.20 18.70
C TYR B 153 1.74 4.78 18.48
N ARG B 154 2.21 5.61 19.40
CA ARG B 154 3.54 6.19 19.27
C ARG B 154 4.62 5.12 19.26
N LYS B 155 4.42 4.04 20.02
CA LYS B 155 5.43 3.00 20.10
C LYS B 155 5.27 1.98 18.97
N VAL B 156 4.03 1.60 18.65
CA VAL B 156 3.81 0.58 17.64
C VAL B 156 3.93 1.16 16.24
N GLY B 157 3.43 2.37 16.03
CA GLY B 157 3.46 2.99 14.72
C GLY B 157 2.09 3.10 14.09
N LEU B 158 2.03 3.10 12.77
CA LEU B 158 0.79 3.25 12.04
C LEU B 158 0.45 1.95 11.31
N TYR B 159 -0.67 1.98 10.59
CA TYR B 159 -1.15 0.80 9.90
C TYR B 159 -0.46 0.66 8.54
N ASP B 160 -0.12 -0.57 8.19
CA ASP B 160 0.67 -0.88 7.01
C ASP B 160 -0.24 -0.96 5.80
N LEU B 161 -0.07 -0.02 4.84
CA LEU B 161 -0.97 0.05 3.70
C LEU B 161 -0.79 -1.11 2.73
N ALA B 162 0.27 -1.91 2.88
CA ALA B 162 0.40 -3.11 2.06
C ALA B 162 -0.77 -4.06 2.26
N TYR B 163 -1.39 -4.03 3.44
CA TYR B 163 -2.52 -4.89 3.76
C TYR B 163 -3.79 -4.05 3.72
N ARG B 164 -4.64 -4.32 2.72
CA ARG B 164 -5.90 -3.60 2.59
C ARG B 164 -7.02 -4.19 3.43
N ILE B 165 -6.88 -5.45 3.85
CA ILE B 165 -7.88 -6.14 4.64
C ILE B 165 -7.41 -6.33 6.08
N CYS B 166 -6.19 -6.85 6.27
CA CYS B 166 -5.72 -7.31 7.58
C CYS B 166 -4.69 -6.38 8.19
N ALA B 167 -4.67 -5.10 7.81
CA ALA B 167 -3.72 -4.18 8.45
C ALA B 167 -3.96 -4.10 9.95
N ASP B 168 -5.21 -4.28 10.40
CA ASP B 168 -5.49 -4.20 11.83
C ASP B 168 -4.90 -5.38 12.59
N ALA B 169 -5.07 -6.59 12.06
CA ALA B 169 -4.36 -7.75 12.61
C ALA B 169 -2.86 -7.47 12.71
N GLU B 170 -2.27 -6.98 11.60
CA GLU B 170 -0.83 -6.76 11.58
C GLU B 170 -0.41 -5.76 12.64
N TRP B 171 -1.24 -4.75 12.89
CA TRP B 171 -0.90 -3.75 13.91
C TRP B 171 -0.98 -4.35 15.31
N VAL B 172 -2.01 -5.15 15.58
CA VAL B 172 -2.14 -5.75 16.90
C VAL B 172 -1.02 -6.75 17.16
N HIS B 173 -0.59 -7.49 16.14
CA HIS B 173 0.56 -8.39 16.32
C HIS B 173 1.82 -7.61 16.67
N ARG B 174 2.03 -6.46 16.01
CA ARG B 174 3.14 -5.60 16.40
C ARG B 174 2.98 -5.12 17.84
N ALA B 175 1.75 -4.82 18.24
CA ALA B 175 1.50 -4.47 19.64
C ALA B 175 1.90 -5.61 20.56
N ILE B 176 1.55 -6.84 20.20
CA ILE B 176 1.95 -8.00 21.00
C ILE B 176 3.47 -8.09 21.08
N LYS B 177 4.14 -7.97 19.94
CA LYS B 177 5.59 -8.09 19.91
C LYS B 177 6.28 -6.93 20.61
N SER B 178 5.65 -5.76 20.68
CA SER B 178 6.18 -4.63 21.43
C SER B 178 5.82 -4.66 22.90
N ASP B 179 5.16 -5.74 23.36
CA ASP B 179 4.83 -5.94 24.77
C ASP B 179 3.85 -4.90 25.29
N ILE B 180 3.06 -4.30 24.39
CA ILE B 180 2.01 -3.38 24.79
C ILE B 180 1.01 -4.10 25.68
N SER B 181 0.71 -3.52 26.83
CA SER B 181 -0.24 -4.13 27.76
C SER B 181 -1.66 -4.03 27.22
N CYS B 182 -2.47 -5.06 27.48
CA CYS B 182 -3.84 -5.10 26.99
C CYS B 182 -4.77 -5.68 28.04
N ARG B 183 -6.00 -5.14 28.09
CA ARG B 183 -7.05 -5.61 28.97
C ARG B 183 -8.30 -5.89 28.13
N LYS B 184 -8.77 -7.13 28.18
CA LYS B 184 -9.97 -7.53 27.47
C LYS B 184 -11.17 -7.40 28.41
N VAL B 185 -12.12 -6.55 28.04
CA VAL B 185 -13.36 -6.39 28.81
C VAL B 185 -14.41 -7.32 28.21
N GLU B 186 -15.09 -8.08 29.07
CA GLU B 186 -16.07 -9.06 28.59
C GLU B 186 -17.46 -8.46 28.44
N GLN B 187 -17.52 -7.30 27.79
CA GLN B 187 -18.76 -6.62 27.43
C GLN B 187 -18.72 -6.25 25.96
N VAL B 188 -19.88 -6.30 25.30
CA VAL B 188 -20.01 -5.79 23.94
C VAL B 188 -19.63 -4.31 23.92
N PHE B 189 -18.66 -3.96 23.08
CA PHE B 189 -18.29 -2.55 22.86
C PHE B 189 -18.94 -1.97 21.61
N VAL B 190 -19.09 -2.79 20.56
CA VAL B 190 -19.47 -2.31 19.25
C VAL B 190 -20.40 -3.32 18.58
N GLU B 191 -21.27 -2.81 17.73
CA GLU B 191 -22.23 -3.63 17.00
C GLU B 191 -22.30 -3.19 15.55
N PHE B 192 -22.53 -4.16 14.66
CA PHE B 192 -22.78 -3.87 13.26
C PHE B 192 -23.31 -5.13 12.58
N GLY B 193 -23.55 -5.01 11.28
CA GLY B 193 -24.01 -6.14 10.48
C GLY B 193 -23.66 -5.94 9.02
N THR B 200 -16.36 -9.31 1.28
CA THR B 200 -14.97 -9.42 0.83
C THR B 200 -14.61 -10.87 0.53
N ASN B 201 -13.95 -11.08 -0.61
CA ASN B 201 -13.65 -12.43 -1.06
C ASN B 201 -12.82 -13.18 -0.02
N PRO B 202 -13.09 -14.46 0.20
CA PRO B 202 -12.33 -15.21 1.22
C PRO B 202 -10.89 -15.46 0.84
N GLU B 203 -10.59 -15.61 -0.46
CA GLU B 203 -9.22 -15.84 -0.89
C GLU B 203 -8.31 -14.72 -0.44
N GLU B 204 -8.73 -13.48 -0.67
CA GLU B 204 -7.89 -12.33 -0.35
C GLU B 204 -7.72 -12.18 1.16
N ILE B 205 -8.76 -12.52 1.94
CA ILE B 205 -8.65 -12.44 3.39
C ILE B 205 -7.57 -13.39 3.89
N ILE B 206 -7.58 -14.63 3.39
CA ILE B 206 -6.65 -15.63 3.89
C ILE B 206 -5.24 -15.39 3.38
N ALA B 207 -5.10 -14.92 2.13
CA ALA B 207 -3.78 -14.60 1.61
C ALA B 207 -3.11 -13.50 2.43
N GLU B 208 -3.86 -12.47 2.79
CA GLU B 208 -3.31 -11.40 3.63
C GLU B 208 -3.04 -11.89 5.04
N ALA B 209 -3.87 -12.80 5.56
CA ALA B 209 -3.69 -13.29 6.92
C ALA B 209 -2.48 -14.21 7.02
N CYS B 210 -2.23 -15.03 6.00
CA CYS B 210 -0.99 -15.82 5.97
C CYS B 210 0.22 -14.91 5.86
N SER B 211 0.12 -13.85 5.04
CA SER B 211 1.22 -12.91 4.90
C SER B 211 1.55 -12.26 6.23
N VAL B 212 0.52 -11.83 6.97
CA VAL B 212 0.75 -11.25 8.30
C VAL B 212 1.51 -12.24 9.17
N ILE B 213 1.06 -13.50 9.20
CA ILE B 213 1.70 -14.50 10.05
C ILE B 213 3.15 -14.71 9.63
N GLN B 214 3.41 -14.77 8.33
CA GLN B 214 4.79 -14.86 7.85
C GLN B 214 5.60 -13.65 8.27
N ARG B 215 4.96 -12.49 8.34
CA ARG B 215 5.67 -11.29 8.79
C ARG B 215 6.08 -11.41 10.24
N ASN B 216 5.33 -12.18 11.03
CA ASN B 216 5.75 -12.48 12.39
C ASN B 216 6.88 -13.49 12.39
N PHE B 217 6.74 -14.54 11.59
CA PHE B 217 7.69 -15.65 11.56
C PHE B 217 8.14 -15.83 10.11
N PRO B 218 9.15 -15.07 9.68
CA PRO B 218 9.51 -15.05 8.25
C PRO B 218 10.19 -16.31 7.77
N PHE B 219 10.48 -17.27 8.65
CA PHE B 219 11.01 -18.56 8.24
C PHE B 219 9.93 -19.50 7.72
N LEU B 220 8.66 -19.14 7.86
CA LEU B 220 7.55 -19.99 7.45
C LEU B 220 7.28 -19.86 5.97
N LEU B 221 6.99 -20.99 5.33
CA LEU B 221 6.46 -20.97 3.98
C LEU B 221 4.97 -20.63 4.01
N LYS B 222 4.46 -20.14 2.87
CA LYS B 222 3.05 -19.77 2.79
C LYS B 222 2.16 -20.88 3.33
N GLU B 223 2.34 -22.10 2.83
CA GLU B 223 1.50 -23.21 3.27
C GLU B 223 1.59 -23.46 4.77
N GLU B 224 2.74 -23.16 5.38
CA GLU B 224 2.91 -23.41 6.80
C GLU B 224 2.18 -22.38 7.65
N ALA B 225 2.27 -21.10 7.28
CA ALA B 225 1.49 -20.08 7.98
C ALA B 225 -0.01 -20.39 7.88
N LYS B 226 -0.44 -20.93 6.74
CA LYS B 226 -1.85 -21.28 6.60
C LYS B 226 -2.22 -22.47 7.46
N TYR B 227 -1.39 -23.52 7.45
CA TYR B 227 -1.64 -24.66 8.32
C TYR B 227 -1.82 -24.19 9.76
N LEU B 228 -0.91 -23.34 10.23
CA LEU B 228 -1.02 -22.81 11.59
C LEU B 228 -2.34 -22.06 11.78
N LEU B 229 -2.60 -21.07 10.92
CA LEU B 229 -3.82 -20.28 11.05
C LEU B 229 -5.06 -21.16 11.12
N TYR B 230 -5.16 -22.14 10.22
CA TYR B 230 -6.32 -23.03 10.23
C TYR B 230 -6.36 -23.84 11.51
N GLY B 231 -5.21 -24.34 11.97
CA GLY B 231 -5.19 -25.16 13.16
C GLY B 231 -5.69 -24.44 14.40
N VAL B 232 -5.16 -23.24 14.65
CA VAL B 232 -5.54 -22.51 15.86
C VAL B 232 -7.02 -22.15 15.81
N ARG B 233 -7.49 -21.64 14.66
CA ARG B 233 -8.89 -21.26 14.51
C ARG B 233 -9.84 -22.45 14.54
N GLY B 234 -9.33 -23.67 14.69
CA GLY B 234 -10.19 -24.84 14.62
C GLY B 234 -10.64 -25.17 13.22
N TRP B 235 -10.00 -24.58 12.21
CA TRP B 235 -10.42 -24.70 10.82
C TRP B 235 -9.80 -25.90 10.11
N GLY B 236 -8.50 -26.14 10.34
CA GLY B 236 -7.81 -27.25 9.74
C GLY B 236 -7.30 -28.22 10.79
N GLU B 237 -6.68 -29.29 10.31
CA GLU B 237 -6.10 -30.28 11.21
C GLU B 237 -4.93 -29.67 11.99
N THR B 238 -4.37 -30.46 12.90
CA THR B 238 -3.28 -30.01 13.75
C THR B 238 -2.24 -31.10 13.94
N SER B 239 -2.09 -32.00 12.96
CA SER B 239 -1.21 -33.16 13.13
C SER B 239 0.26 -32.78 12.95
N ARG B 240 0.56 -31.89 12.01
CA ARG B 240 1.93 -31.52 11.69
C ARG B 240 2.55 -30.53 12.68
N ILE B 241 1.86 -30.20 13.77
CA ILE B 241 2.30 -29.09 14.60
C ILE B 241 3.65 -29.38 15.25
N GLU B 242 3.88 -30.62 15.68
CA GLU B 242 5.17 -30.96 16.26
C GLU B 242 6.28 -30.93 15.21
N GLN B 243 6.00 -31.42 14.01
CA GLN B 243 6.96 -31.35 12.93
C GLN B 243 7.34 -29.90 12.62
N ILE B 244 6.33 -29.03 12.52
CA ILE B 244 6.57 -27.61 12.35
C ILE B 244 7.42 -27.08 13.50
N LEU B 245 7.07 -27.46 14.74
CA LEU B 245 7.81 -26.98 15.90
C LEU B 245 9.27 -27.43 15.84
N ARG B 246 9.50 -28.72 15.53
CA ARG B 246 10.86 -29.21 15.36
C ARG B 246 11.59 -28.45 14.26
N LYS B 247 10.90 -28.18 13.15
CA LYS B 247 11.54 -27.54 12.01
C LYS B 247 12.07 -26.17 12.38
N TYR B 248 11.28 -25.38 13.10
CA TYR B 248 11.60 -23.98 13.32
C TYR B 248 11.77 -23.60 14.78
N GLY B 249 11.48 -24.50 15.73
CA GLY B 249 11.59 -24.14 17.13
C GLY B 249 12.89 -23.44 17.47
N HIS B 250 14.01 -23.94 16.93
CA HIS B 250 15.30 -23.33 17.18
C HIS B 250 15.38 -21.88 16.71
N GLU B 251 14.50 -21.46 15.79
CA GLU B 251 14.60 -20.12 15.23
C GLU B 251 14.27 -19.06 16.28
N SER B 252 13.13 -19.19 16.95
CA SER B 252 12.66 -18.12 17.82
C SER B 252 11.92 -18.68 19.02
N VAL B 253 12.29 -18.19 20.21
CA VAL B 253 11.56 -18.54 21.43
C VAL B 253 10.08 -18.18 21.28
N LEU B 254 9.80 -17.04 20.64
CA LEU B 254 8.42 -16.56 20.54
C LEU B 254 7.55 -17.56 19.78
N PHE B 255 8.01 -18.01 18.61
CA PHE B 255 7.25 -18.99 17.84
C PHE B 255 7.00 -20.26 18.64
N VAL B 256 7.93 -20.61 19.52
CA VAL B 256 7.70 -21.73 20.43
C VAL B 256 6.63 -21.37 21.45
N THR B 257 6.72 -20.18 22.03
CA THR B 257 5.68 -19.72 22.95
C THR B 257 4.32 -19.72 22.28
N ALA B 258 4.25 -19.24 21.04
CA ALA B 258 2.97 -19.13 20.35
C ALA B 258 2.38 -20.51 20.08
N LEU B 259 3.21 -21.45 19.62
CA LEU B 259 2.72 -22.78 19.29
C LEU B 259 2.27 -23.54 20.52
N GLN B 260 2.91 -23.32 21.66
CA GLN B 260 2.53 -24.04 22.87
C GLN B 260 1.37 -23.39 23.61
N GLU B 261 1.25 -22.06 23.54
CA GLU B 261 0.03 -21.42 24.01
C GLU B 261 -1.16 -21.86 23.15
N ALA B 262 -0.98 -21.83 21.82
CA ALA B 262 -2.07 -22.22 20.93
C ALA B 262 -2.45 -23.68 21.11
N PHE B 263 -1.46 -24.56 21.28
CA PHE B 263 -1.67 -26.00 21.32
C PHE B 263 -1.02 -26.55 22.58
N PRO B 264 -1.73 -26.53 23.72
CA PRO B 264 -1.14 -27.06 24.96
C PRO B 264 -0.70 -28.52 24.86
N ALA B 265 -1.30 -29.29 23.97
CA ALA B 265 -0.89 -30.68 23.79
C ALA B 265 0.47 -30.75 23.10
P 5GP C . 3.47 -10.62 -13.01
O1P 5GP C . 3.13 -11.69 -12.00
O2P 5GP C . 3.12 -9.22 -12.57
O3P 5GP C . 3.05 -10.95 -14.42
O5' 5GP C . 5.06 -10.62 -13.07
C5' 5GP C . 5.81 -9.57 -12.46
C4' 5GP C . 7.14 -10.08 -11.94
O4' 5GP C . 7.14 -10.01 -10.49
C3' 5GP C . 7.48 -11.51 -12.30
O3' 5GP C . 8.90 -11.66 -12.34
C2' 5GP C . 6.93 -12.28 -11.10
O2' 5GP C . 7.51 -13.56 -10.89
C1' 5GP C . 7.24 -11.32 -9.94
N9 5GP C . 6.31 -11.39 -8.82
C8 5GP C . 4.97 -11.48 -8.89
N7 5GP C . 4.47 -11.48 -7.64
C5 5GP C . 5.50 -11.38 -6.78
C6 5GP C . 5.59 -11.33 -5.39
O6 5GP C . 4.57 -11.39 -4.69
N1 5GP C . 6.80 -11.22 -4.82
C2 5GP C . 7.90 -11.16 -5.57
N2 5GP C . 9.11 -11.05 -4.96
N3 5GP C . 7.85 -11.19 -6.91
C4 5GP C . 6.65 -11.30 -7.54
S DMS D . 6.89 -3.41 -12.29
O DMS D . 7.62 -2.19 -12.78
C1 DMS D . 5.18 -3.31 -12.89
C2 DMS D . 7.47 -4.86 -13.22
H11 DMS D . 4.60 -4.07 -12.42
H12 DMS D . 5.15 -3.45 -13.94
H13 DMS D . 4.78 -2.36 -12.66
H21 DMS D . 6.69 -5.58 -13.27
H22 DMS D . 8.30 -5.28 -12.73
H23 DMS D . 7.74 -4.57 -14.20
S DMS E . -6.75 2.16 -4.77
O DMS E . -7.33 0.78 -4.74
C1 DMS E . -7.69 3.20 -3.60
C2 DMS E . -5.12 2.17 -3.98
H11 DMS E . -8.41 2.61 -3.10
H12 DMS E . -8.17 3.98 -4.12
H13 DMS E . -7.02 3.60 -2.88
H21 DMS E . -4.47 1.53 -4.50
H22 DMS E . -5.21 1.83 -2.97
H23 DMS E . -4.73 3.15 -3.98
C1 FUC F . -5.52 -2.13 -22.20
C2 FUC F . -4.09 -1.68 -21.75
C3 FUC F . -4.08 -0.66 -20.66
C4 FUC F . -4.86 -1.15 -19.52
C5 FUC F . -6.29 -1.51 -19.97
C6 FUC F . -7.10 -1.99 -18.87
O1 FUC F . -6.16 -1.11 -22.84
O2 FUC F . -3.41 -1.18 -22.90
O3 FUC F . -2.67 -0.45 -20.26
O4 FUC F . -4.21 -2.29 -18.93
O5 FUC F . -6.30 -2.54 -21.07
H1 FUC F . -5.42 -2.94 -22.89
H2 FUC F . -3.56 -2.53 -21.36
H3 FUC F . -4.49 0.28 -20.98
H4 FUC F . -4.92 -0.40 -18.75
H5 FUC F . -6.77 -0.57 -20.34
H61 FUC F . -6.93 -3.04 -18.75
H62 FUC F . -8.13 -1.81 -19.07
H63 FUC F . -6.81 -1.48 -17.97
HO1 FUC F . -7.06 -1.05 -22.51
HO2 FUC F . -2.73 -0.59 -22.63
HO4 FUC F . -3.99 -2.07 -18.01
C10 A1CCV G . -2.32 0.86 -20.51
C13 A1CCV G . -2.88 2.39 -17.28
C12 A1CCV G . -2.57 1.29 -18.19
C14 A1CCV G . -1.05 1.06 -18.00
C16 A1CCV G . -0.30 0.44 -19.12
C29 A1CCV G . -0.79 0.99 -20.39
O11 A1CCV G . -3.00 1.72 -19.52
O15 A1CCV G . -0.52 2.42 -17.75
O17 A1CCV G . 1.14 0.72 -18.86
O30 A1CCV G . -0.39 2.36 -20.45
H101 A1CCV G . -2.64 1.15 -21.52
H133 A1CCV G . -3.90 2.28 -16.92
H131 A1CCV G . -2.76 3.34 -17.79
H132 A1CCV G . -2.21 2.36 -16.42
H121 A1CCV G . -3.07 0.35 -18.00
H141 A1CCV G . -0.90 0.37 -17.18
H161 A1CCV G . -0.41 -0.67 -19.17
H291 A1CCV G . -0.34 0.45 -21.25
H151 A1CCV G . 0.25 2.57 -18.25
H301 A1CCV G . -0.78 2.77 -21.20
C2 BGC H . 3.19 -0.28 -18.12
C3 BGC H . 3.76 -1.02 -16.99
C4 BGC H . 3.50 -0.39 -15.68
C5 BGC H . 2.00 -0.41 -15.48
C6 BGC H . 1.39 0.50 -14.48
C1 BGC H . 1.66 -0.24 -18.05
O2 BGC H . 3.50 -0.95 -19.36
O3 BGC H . 5.19 -1.08 -17.10
O4 BGC H . 3.95 -1.25 -14.63
O5 BGC H . 1.15 -0.07 -16.65
O6 BGC H . 2.32 1.21 -13.71
H2 BGC H . 3.62 0.73 -18.10
H3 BGC H . 3.31 -2.04 -17.03
H4 BGC H . 3.98 0.59 -15.63
H5 BGC H . 1.97 -1.43 -15.15
H61 BGC H . 0.79 1.21 -14.99
H62 BGC H . 0.79 -0.06 -13.83
H1 BGC H . 1.30 -1.20 -18.44
HO2 BGC H . 2.69 -0.99 -19.89
HO3 BGC H . 5.54 -0.28 -16.69
HO4 BGC H . 3.66 -0.95 -13.80
HO6 BGC H . 2.29 2.06 -14.09
P 5GP I . -16.60 -1.38 4.53
O1P 5GP I . -16.54 -0.99 3.07
O2P 5GP I . -15.39 -2.12 5.04
O3P 5GP I . -17.93 -1.96 4.95
O5' 5GP I . -16.55 0.01 5.32
C5' 5GP I . -15.53 0.29 6.27
C4' 5GP I . -15.56 1.73 6.70
O4' 5GP I . -14.50 2.46 6.00
C3' 5GP I . -16.85 2.48 6.39
O3' 5GP I . -17.02 3.52 7.34
C2' 5GP I . -16.56 3.06 5.01
O2' 5GP I . -17.35 4.18 4.69
C1' 5GP I . -15.08 3.42 5.13
N9 5GP I . -14.33 3.36 3.88
C8 5GP I . -14.36 2.36 2.98
N7 5GP I . -13.52 2.64 1.97
C5 5GP I . -12.93 3.83 2.26
C6 5GP I . -11.99 4.61 1.60
O6 5GP I . -11.51 4.25 0.51
N1 5GP I . -11.59 5.77 2.15
C2 5GP I . -12.10 6.17 3.33
N2 5GP I . -11.68 7.35 3.85
N3 5GP I . -13.01 5.43 3.99
C4 5GP I . -13.44 4.26 3.46
S DMS J . -0.62 -10.37 -0.02
O DMS J . 0.64 -10.56 -0.80
C1 DMS J . -0.63 -8.72 0.73
C2 DMS J . -2.00 -10.20 -1.18
H11 DMS J . -0.88 -8.81 1.77
H12 DMS J . -1.34 -8.11 0.25
H13 DMS J . 0.33 -8.29 0.64
H21 DMS J . -2.14 -11.12 -1.71
H22 DMS J . -1.78 -9.44 -1.88
H23 DMS J . -2.88 -9.96 -0.65
S DMS K . -11.65 -1.58 10.65
O DMS K . -10.87 -2.56 9.83
C1 DMS K . -10.83 0.04 10.61
C2 DMS K . -13.18 -1.17 9.77
H11 DMS K . -10.78 0.44 11.59
H12 DMS K . -11.39 0.70 10.00
H13 DMS K . -9.85 -0.06 10.22
H21 DMS K . -13.82 -2.01 9.77
H22 DMS K . -12.95 -0.90 8.77
H23 DMS K . -13.66 -0.36 10.26
C1 FUC L . -15.38 -16.76 7.77
C2 FUC L . -14.99 -15.53 8.64
C3 FUC L . -13.51 -15.42 8.77
C4 FUC L . -12.85 -15.34 7.47
C5 FUC L . -13.28 -16.50 6.53
C6 FUC L . -12.81 -16.18 5.19
O1 FUC L . -14.99 -17.91 8.41
O2 FUC L . -15.53 -15.68 9.93
O3 FUC L . -13.21 -14.21 9.55
O4 FUC L . -13.18 -14.08 6.85
O5 FUC L . -14.77 -16.71 6.48
C10 A1CCV M . -12.39 -14.53 10.61
C13 A1CCV M . -9.10 -13.79 9.00
C12 A1CCV M . -10.49 -13.55 9.45
C14 A1CCV M . -10.52 -12.34 10.43
C16 A1CCV M . -11.89 -12.12 10.99
C29 A1CCV M . -12.41 -13.35 11.60
O11 A1CCV M . -11.02 -14.76 10.08
O15 A1CCV M . -9.58 -12.57 11.50
O17 A1CCV M . -11.86 -11.02 12.01
O30 A1CCV M . -11.61 -13.69 12.76
C2 BGC N . -12.21 -8.72 12.44
C3 BGC N . -12.08 -7.35 11.89
C4 BGC N . -10.80 -7.18 11.11
C5 BGC N . -10.67 -8.25 10.03
C6 BGC N . -9.44 -8.06 9.20
C1 BGC N . -11.96 -9.83 11.40
O2 BGC N . -13.55 -8.86 12.98
O3 BGC N . -12.12 -6.39 12.98
O4 BGC N . -10.82 -5.89 10.48
O5 BGC N . -10.69 -9.59 10.64
O6 BGC N . -8.26 -8.28 9.98
#